data_4WR2
#
_entry.id   4WR2
#
_cell.length_a   60.078
_cell.length_b   115.047
_cell.length_c   141.640
_cell.angle_alpha   90.000
_cell.angle_beta   90.000
_cell.angle_gamma   90.000
#
_symmetry.space_group_name_H-M   'I 2 2 2'
#
loop_
_entity.id
_entity.type
_entity.pdbx_description
1 polymer 'Pyrimidine-specific ribonucleoside hydrolase RihA'
2 non-polymer 'CALCIUM ION'
3 non-polymer 'PENTAETHYLENE GLYCOL'
4 water water
#
_entity_poly.entity_id   1
_entity_poly.type   'polypeptide(L)'
_entity_poly.pdbx_seq_one_letter_code
;(MSE)TQSNAAPHSHAANASPKAIRPLASATPIILDCDPGHDDAISLILALSSERLNPLAVTTSAGNQTPDKTLNNALRI
LTLLNRAD(MSE)PVAGGAVKPLARELIIADNVHGESGLDGPKLPDPSFDPLTQNAIEL(MSE)AEKVRQSAVPVTLVPS
GPLTNIALFIANYPELHSKVERIVL(MSE)GGAAGVGNWTPAAEFNIFVDPEAAD(MSE)VFKSGIPIT(MSE)CGLDVT
HEAQI(MSE)DEDIERIRAIPNPVAQCVAELLDFF(MSE)IYHRDPKWGFTGAPLHDPCTIAWLLKPELFTAQECWVGVE
TKGEYTQG(MSE)TVVDRYQLTGKTANATVLFDLDRQGFVDLIVDCLSAYN
;
_entity_poly.pdbx_strand_id   A
#
# COMPACT_ATOMS: atom_id res chain seq x y z
N LYS A 18 16.67 -17.65 -1.90
CA LYS A 18 16.76 -16.49 -0.98
C LYS A 18 15.36 -16.01 -0.60
N ALA A 19 14.40 -16.92 -0.63
CA ALA A 19 13.06 -16.60 -0.20
C ALA A 19 13.08 -16.51 1.34
N ILE A 20 12.38 -15.53 1.89
CA ILE A 20 12.28 -15.36 3.35
C ILE A 20 11.12 -16.21 3.81
N ARG A 21 11.38 -17.08 4.78
CA ARG A 21 10.34 -17.97 5.26
C ARG A 21 9.59 -17.32 6.40
N PRO A 22 8.27 -17.19 6.27
CA PRO A 22 7.55 -16.57 7.39
C PRO A 22 7.58 -17.48 8.65
N LEU A 23 7.66 -16.85 9.81
CA LEU A 23 7.42 -17.54 11.06
C LEU A 23 6.02 -18.14 11.06
N ALA A 24 5.83 -19.26 11.74
CA ALA A 24 4.47 -19.79 11.87
C ALA A 24 3.55 -18.75 12.50
N SER A 25 4.11 -17.90 13.36
CA SER A 25 3.36 -16.86 14.05
C SER A 25 3.28 -15.52 13.33
N ALA A 26 3.71 -15.49 12.07
CA ALA A 26 3.66 -14.28 11.27
C ALA A 26 2.24 -13.79 11.05
N THR A 27 2.11 -12.49 10.81
CA THR A 27 0.85 -11.87 10.41
C THR A 27 0.52 -12.22 8.96
N PRO A 28 -0.59 -12.94 8.72
CA PRO A 28 -0.95 -13.20 7.32
C PRO A 28 -1.48 -11.94 6.66
N ILE A 29 -1.00 -11.69 5.44
CA ILE A 29 -1.42 -10.51 4.71
C ILE A 29 -1.66 -10.84 3.24
N ILE A 30 -2.46 -10.00 2.61
CA ILE A 30 -2.63 -10.01 1.15
C ILE A 30 -2.28 -8.62 0.70
N LEU A 31 -1.40 -8.53 -0.30
CA LEU A 31 -0.93 -7.26 -0.82
C LEU A 31 -1.66 -6.94 -2.11
N ASP A 32 -2.39 -5.84 -2.09
CA ASP A 32 -3.18 -5.42 -3.24
C ASP A 32 -2.60 -4.11 -3.70
N CYS A 33 -2.08 -4.05 -4.91
CA CYS A 33 -1.17 -2.98 -5.28
C CYS A 33 -1.27 -2.59 -6.75
N ASP A 34 -0.81 -1.39 -7.08
CA ASP A 34 -0.80 -0.94 -8.46
C ASP A 34 0.60 -0.49 -8.83
N PRO A 35 1.56 -1.44 -8.83
CA PRO A 35 2.92 -0.86 -8.92
C PRO A 35 3.30 -0.20 -10.20
N GLY A 36 3.61 1.10 -9.98
CA GLY A 36 4.87 1.68 -10.04
C GLY A 36 5.68 1.50 -8.75
N HIS A 37 6.44 2.52 -8.43
CA HIS A 37 7.71 2.27 -7.76
C HIS A 37 7.58 2.27 -6.26
N ASP A 38 6.68 3.10 -5.74
CA ASP A 38 6.35 3.10 -4.31
C ASP A 38 5.86 1.72 -3.89
N ASP A 39 4.95 1.16 -4.68
CA ASP A 39 4.44 -0.18 -4.37
C ASP A 39 5.54 -1.20 -4.41
N ALA A 40 6.47 -1.03 -5.36
CA ALA A 40 7.57 -1.97 -5.47
C ALA A 40 8.36 -2.04 -4.16
N ILE A 41 8.63 -0.88 -3.56
CA ILE A 41 9.40 -0.84 -2.34
C ILE A 41 8.58 -1.48 -1.23
N SER A 42 7.29 -1.22 -1.21
CA SER A 42 6.40 -1.88 -0.26
C SER A 42 6.45 -3.40 -0.35
N LEU A 43 6.34 -3.95 -1.55
CA LEU A 43 6.39 -5.40 -1.74
C LEU A 43 7.75 -5.95 -1.29
N ILE A 44 8.82 -5.24 -1.65
CA ILE A 44 10.17 -5.64 -1.26
C ILE A 44 10.29 -5.69 0.26
N LEU A 45 9.75 -4.69 0.95
CA LEU A 45 9.82 -4.70 2.41
C LEU A 45 8.96 -5.83 3.00
N ALA A 46 7.74 -6.01 2.48
CA ALA A 46 6.84 -7.04 3.00
C ALA A 46 7.46 -8.42 2.88
N LEU A 47 8.08 -8.69 1.73
CA LEU A 47 8.62 -10.02 1.47
C LEU A 47 10.01 -10.23 2.09
N SER A 48 10.52 -9.21 2.76
CA SER A 48 11.79 -9.32 3.47
C SER A 48 11.63 -9.83 4.92
N SER A 49 10.39 -9.84 5.40
CA SER A 49 10.15 -10.05 6.83
C SER A 49 9.54 -11.35 7.22
N GLU A 50 10.24 -12.09 8.08
CA GLU A 50 9.69 -13.36 8.56
C GLU A 50 8.54 -13.11 9.52
N ARG A 51 8.27 -11.83 9.86
CA ARG A 51 7.10 -11.49 10.69
C ARG A 51 5.80 -11.33 9.92
N LEU A 52 5.90 -11.41 8.60
CA LEU A 52 4.74 -11.31 7.73
C LEU A 52 4.63 -12.55 6.85
N ASN A 53 3.40 -12.95 6.57
CA ASN A 53 3.14 -14.09 5.74
C ASN A 53 2.25 -13.68 4.56
N PRO A 54 2.88 -13.24 3.45
CA PRO A 54 2.10 -12.79 2.27
C PRO A 54 1.48 -13.96 1.54
N LEU A 55 0.16 -14.02 1.57
CA LEU A 55 -0.58 -15.15 1.05
C LEU A 55 -0.81 -15.03 -0.46
N ALA A 56 -0.88 -13.80 -0.92
CA ALA A 56 -1.11 -13.50 -2.33
C ALA A 56 -0.80 -12.05 -2.61
N VAL A 57 -0.56 -11.78 -3.88
CA VAL A 57 -0.47 -10.42 -4.40
C VAL A 57 -1.57 -10.26 -5.49
N THR A 58 -2.38 -9.22 -5.38
CA THR A 58 -3.40 -8.88 -6.37
C THR A 58 -3.11 -7.46 -6.87
N THR A 59 -3.43 -7.18 -8.12
CA THR A 59 -3.17 -5.88 -8.64
C THR A 59 -4.40 -5.05 -8.98
N SER A 60 -4.30 -3.78 -8.63
CA SER A 60 -5.27 -2.75 -8.96
C SER A 60 -4.70 -1.82 -10.02
N ALA A 61 -5.51 -0.91 -10.52
CA ALA A 61 -5.03 -0.02 -11.56
C ALA A 61 -5.52 1.38 -11.26
N GLY A 62 -4.66 2.37 -11.48
CA GLY A 62 -5.03 3.77 -11.22
C GLY A 62 -4.70 4.68 -12.39
N ASN A 63 -3.41 4.87 -12.65
CA ASN A 63 -3.02 5.74 -13.76
C ASN A 63 -2.17 5.01 -14.78
N GLN A 64 -2.20 3.67 -14.73
CA GLN A 64 -1.60 2.81 -15.75
C GLN A 64 -2.59 1.71 -16.08
N THR A 65 -2.51 1.16 -17.28
CA THR A 65 -3.39 0.07 -17.65
C THR A 65 -3.16 -1.13 -16.73
N PRO A 66 -4.21 -1.93 -16.48
CA PRO A 66 -4.07 -3.09 -15.59
C PRO A 66 -3.05 -4.12 -16.08
N ASP A 67 -2.81 -4.20 -17.41
CA ASP A 67 -1.81 -5.14 -17.92
C ASP A 67 -0.43 -4.72 -17.39
N LYS A 68 -0.20 -3.41 -17.29
CA LYS A 68 1.08 -2.87 -16.83
C LYS A 68 1.32 -3.08 -15.34
N THR A 69 0.31 -2.84 -14.52
CA THR A 69 0.50 -3.04 -13.08
C THR A 69 0.70 -4.51 -12.79
N LEU A 70 -0.02 -5.40 -13.49
CA LEU A 70 0.19 -6.82 -13.28
C LEU A 70 1.60 -7.24 -13.71
N ASN A 71 2.04 -6.77 -14.87
CA ASN A 71 3.39 -7.07 -15.34
C ASN A 71 4.43 -6.58 -14.34
N ASN A 72 4.23 -5.38 -13.81
CA ASN A 72 5.16 -4.80 -12.83
C ASN A 72 5.20 -5.62 -11.55
N ALA A 73 4.05 -6.07 -11.08
CA ALA A 73 4.06 -6.98 -9.93
C ALA A 73 4.88 -8.25 -10.21
N LEU A 74 4.76 -8.80 -11.42
CA LEU A 74 5.52 -10.00 -11.79
C LEU A 74 7.00 -9.70 -11.84
N ARG A 75 7.35 -8.50 -12.27
CA ARG A 75 8.75 -8.11 -12.35
C ARG A 75 9.38 -7.96 -10.95
N ILE A 76 8.60 -7.41 -10.04
CA ILE A 76 9.05 -7.26 -8.66
C ILE A 76 9.22 -8.63 -8.01
N LEU A 77 8.25 -9.51 -8.22
CA LEU A 77 8.35 -10.85 -7.64
C LEU A 77 9.50 -11.64 -8.24
N THR A 78 9.80 -11.40 -9.51
CA THR A 78 10.95 -12.00 -10.16
C THR A 78 12.28 -11.49 -9.57
N LEU A 79 12.39 -10.19 -9.36
CA LEU A 79 13.53 -9.61 -8.65
C LEU A 79 13.82 -10.34 -7.34
N LEU A 80 12.74 -10.64 -6.62
CA LEU A 80 12.84 -11.26 -5.30
C LEU A 80 12.90 -12.78 -5.32
N ASN A 81 12.93 -13.37 -6.52
CA ASN A 81 13.01 -14.81 -6.66
C ASN A 81 11.80 -15.46 -5.95
N ARG A 82 10.62 -14.87 -6.16
CA ARG A 82 9.39 -15.35 -5.51
C ARG A 82 8.31 -15.72 -6.55
N ALA A 83 8.69 -16.56 -7.51
CA ALA A 83 7.75 -17.03 -8.53
C ALA A 83 6.72 -17.97 -7.93
N ASP A 84 6.93 -18.37 -6.67
CA ASP A 84 5.98 -19.18 -5.93
C ASP A 84 4.78 -18.38 -5.41
N PRO A 86 1.44 -16.60 -5.07
CA PRO A 86 0.21 -16.50 -5.89
C PRO A 86 -0.05 -15.00 -6.25
N VAL A 87 -0.24 -14.75 -7.53
CA VAL A 87 -0.47 -13.40 -8.04
C VAL A 87 -1.55 -13.43 -9.11
N ALA A 88 -2.45 -12.44 -9.07
CA ALA A 88 -3.56 -12.36 -9.99
C ALA A 88 -3.92 -10.92 -10.26
N GLY A 89 -4.20 -10.62 -11.52
CA GLY A 89 -4.65 -9.29 -11.87
C GLY A 89 -6.10 -9.07 -11.46
N GLY A 90 -6.38 -7.89 -10.92
CA GLY A 90 -7.75 -7.55 -10.48
C GLY A 90 -8.51 -6.71 -11.46
N ALA A 91 -9.38 -5.87 -10.92
CA ALA A 91 -10.32 -5.11 -11.72
C ALA A 91 -9.60 -4.27 -12.76
N VAL A 92 -10.20 -4.16 -13.94
CA VAL A 92 -9.53 -3.42 -15.02
C VAL A 92 -9.83 -1.92 -15.01
N LYS A 93 -10.73 -1.48 -14.14
CA LYS A 93 -11.13 -0.09 -14.05
C LYS A 93 -11.82 0.13 -12.72
N PRO A 94 -11.99 1.39 -12.30
CA PRO A 94 -12.73 1.68 -11.08
C PRO A 94 -14.20 1.22 -11.17
N LEU A 95 -14.88 1.19 -10.04
CA LEU A 95 -16.25 0.69 -10.02
C LEU A 95 -17.22 1.45 -10.89
N ALA A 96 -17.15 2.78 -10.86
CA ALA A 96 -18.16 3.63 -11.48
C ALA A 96 -17.54 4.76 -12.30
N ARG A 97 -16.26 4.61 -12.62
CA ARG A 97 -15.49 5.64 -13.31
C ARG A 97 -14.44 4.95 -14.18
N GLU A 98 -13.81 5.71 -15.06
CA GLU A 98 -12.72 5.18 -15.88
C GLU A 98 -11.34 5.41 -15.26
N LEU A 99 -10.33 4.67 -15.71
CA LEU A 99 -8.95 4.91 -15.27
C LEU A 99 -8.48 6.30 -15.70
N ILE A 100 -7.54 6.87 -14.95
CA ILE A 100 -6.94 8.14 -15.30
C ILE A 100 -5.58 7.90 -15.94
N ILE A 101 -5.56 7.67 -17.25
CA ILE A 101 -4.28 7.38 -17.93
C ILE A 101 -3.73 8.61 -18.63
N ALA A 102 -2.51 9.00 -18.25
CA ALA A 102 -1.72 9.95 -19.05
C ALA A 102 -0.23 9.60 -19.04
N GLY A 113 11.00 5.07 -15.71
CA GLY A 113 11.92 5.09 -14.58
C GLY A 113 13.03 4.07 -14.72
N PRO A 114 13.66 3.69 -13.60
CA PRO A 114 14.63 2.59 -13.69
C PRO A 114 13.94 1.27 -14.00
N LYS A 115 14.70 0.30 -14.47
CA LYS A 115 14.13 -0.92 -15.00
C LYS A 115 14.20 -2.09 -14.03
N LEU A 116 13.13 -2.88 -14.02
CA LEU A 116 13.08 -4.11 -13.24
C LEU A 116 13.32 -5.28 -14.18
N PRO A 117 13.73 -6.43 -13.63
CA PRO A 117 13.97 -7.60 -14.48
C PRO A 117 12.71 -7.99 -15.25
N ASP A 118 12.89 -8.63 -16.40
CA ASP A 118 11.75 -9.22 -17.12
C ASP A 118 11.14 -10.36 -16.29
N PRO A 119 9.82 -10.57 -16.42
CA PRO A 119 9.17 -11.60 -15.59
C PRO A 119 9.66 -13.00 -15.92
N SER A 120 9.86 -13.81 -14.89
CA SER A 120 10.31 -15.18 -15.07
C SER A 120 9.16 -16.18 -15.04
N PHE A 121 7.95 -15.71 -14.77
CA PHE A 121 6.80 -16.58 -14.60
C PHE A 121 5.50 -15.89 -14.96
N ASP A 122 4.46 -16.68 -15.15
CA ASP A 122 3.12 -16.18 -15.44
C ASP A 122 2.26 -16.07 -14.20
N PRO A 123 1.30 -15.14 -14.21
CA PRO A 123 0.37 -15.03 -13.10
C PRO A 123 -0.66 -16.14 -13.12
N LEU A 124 -1.36 -16.31 -12.01
CA LEU A 124 -2.53 -17.18 -11.97
C LEU A 124 -3.60 -16.55 -12.86
N THR A 125 -4.42 -17.40 -13.47
CA THR A 125 -5.57 -16.92 -14.24
C THR A 125 -6.81 -16.74 -13.36
N GLN A 126 -6.72 -17.18 -12.11
CA GLN A 126 -7.79 -17.10 -11.15
C GLN A 126 -8.22 -15.64 -10.94
N ASN A 127 -9.54 -15.43 -10.82
CA ASN A 127 -10.08 -14.12 -10.45
C ASN A 127 -9.48 -13.59 -9.16
N ALA A 128 -9.16 -12.31 -9.12
CA ALA A 128 -8.45 -11.76 -7.97
C ALA A 128 -9.22 -11.84 -6.66
N ILE A 129 -10.51 -11.51 -6.64
CA ILE A 129 -11.20 -11.57 -5.35
C ILE A 129 -11.55 -13.01 -5.00
N GLU A 130 -11.67 -13.88 -5.99
CA GLU A 130 -11.79 -15.34 -5.70
C GLU A 130 -10.51 -15.84 -5.02
N LEU A 131 -9.36 -15.39 -5.51
CA LEU A 131 -8.07 -15.75 -4.91
C LEU A 131 -8.02 -15.19 -3.47
N ALA A 133 -10.54 -14.53 -1.48
CA ALA A 133 -11.46 -15.31 -0.65
C ALA A 133 -10.86 -16.67 -0.31
N GLU A 134 -10.25 -17.33 -1.29
CA GLU A 134 -9.63 -18.62 -1.06
C GLU A 134 -8.60 -18.52 0.07
N LYS A 135 -7.71 -17.54 0.00
CA LYS A 135 -6.65 -17.42 0.99
C LYS A 135 -7.20 -17.02 2.37
N VAL A 136 -8.20 -16.15 2.38
CA VAL A 136 -8.82 -15.71 3.63
C VAL A 136 -9.58 -16.87 4.26
N ARG A 137 -10.33 -17.61 3.46
CA ARG A 137 -11.08 -18.75 3.97
C ARG A 137 -10.14 -19.82 4.52
N GLN A 138 -9.01 -20.02 3.86
CA GLN A 138 -8.08 -21.08 4.25
C GLN A 138 -7.18 -20.74 5.43
N SER A 139 -6.99 -19.46 5.70
CA SER A 139 -6.13 -19.02 6.78
C SER A 139 -6.82 -19.21 8.12
N ALA A 140 -6.20 -19.93 9.05
CA ALA A 140 -6.81 -20.05 10.38
C ALA A 140 -6.83 -18.69 11.06
N VAL A 141 -5.75 -17.95 10.91
CA VAL A 141 -5.59 -16.65 11.54
C VAL A 141 -6.27 -15.60 10.63
N PRO A 142 -7.07 -14.69 11.20
CA PRO A 142 -7.64 -13.62 10.37
C PRO A 142 -6.55 -12.83 9.64
N VAL A 143 -6.85 -12.46 8.41
CA VAL A 143 -5.88 -11.95 7.47
C VAL A 143 -5.97 -10.42 7.43
N THR A 144 -4.83 -9.77 7.26
CA THR A 144 -4.80 -8.32 7.10
C THR A 144 -4.67 -8.00 5.61
N LEU A 145 -5.59 -7.21 5.09
CA LEU A 145 -5.53 -6.78 3.68
C LEU A 145 -4.72 -5.50 3.65
N VAL A 146 -3.81 -5.40 2.67
CA VAL A 146 -2.88 -4.27 2.60
C VAL A 146 -2.92 -3.67 1.19
N PRO A 147 -3.88 -2.77 0.96
CA PRO A 147 -3.93 -2.14 -0.35
C PRO A 147 -3.05 -0.92 -0.42
N SER A 148 -2.43 -0.69 -1.59
CA SER A 148 -1.61 0.50 -1.76
C SER A 148 -1.93 1.22 -3.06
N GLY A 149 -3.05 0.86 -3.68
CA GLY A 149 -3.58 1.56 -4.84
C GLY A 149 -5.04 1.86 -4.64
N PRO A 150 -5.75 2.15 -5.72
CA PRO A 150 -7.20 2.37 -5.61
C PRO A 150 -7.85 1.15 -4.94
N LEU A 151 -8.94 1.37 -4.23
CA LEU A 151 -9.51 0.33 -3.38
C LEU A 151 -10.53 -0.57 -4.06
N THR A 152 -10.59 -0.50 -5.39
CA THR A 152 -11.53 -1.25 -6.21
C THR A 152 -11.67 -2.73 -5.85
N ASN A 153 -10.58 -3.49 -5.82
CA ASN A 153 -10.67 -4.92 -5.49
C ASN A 153 -11.10 -5.15 -4.06
N ILE A 154 -10.64 -4.32 -3.14
CA ILE A 154 -10.99 -4.48 -1.73
C ILE A 154 -12.50 -4.30 -1.57
N ALA A 155 -13.07 -3.28 -2.20
CA ALA A 155 -14.50 -3.04 -2.12
C ALA A 155 -15.29 -4.20 -2.70
N LEU A 156 -14.84 -4.72 -3.82
CA LEU A 156 -15.52 -5.87 -4.43
C LEU A 156 -15.51 -7.06 -3.49
N PHE A 157 -14.37 -7.33 -2.88
CA PHE A 157 -14.26 -8.41 -1.90
C PHE A 157 -15.21 -8.20 -0.72
N ILE A 158 -15.21 -7.00 -0.17
CA ILE A 158 -16.07 -6.68 0.98
C ILE A 158 -17.55 -6.90 0.67
N ALA A 159 -17.97 -6.47 -0.50
CA ALA A 159 -19.38 -6.52 -0.87
C ALA A 159 -19.82 -7.92 -1.27
N ASN A 160 -18.90 -8.69 -1.83
CA ASN A 160 -19.24 -10.01 -2.35
C ASN A 160 -19.09 -11.17 -1.38
N TYR A 161 -18.24 -11.00 -0.36
CA TYR A 161 -17.95 -12.06 0.61
C TYR A 161 -18.23 -11.61 2.05
N PRO A 162 -19.48 -11.26 2.35
CA PRO A 162 -19.78 -10.78 3.71
C PRO A 162 -19.47 -11.81 4.79
N GLU A 163 -19.54 -13.08 4.42
CA GLU A 163 -19.34 -14.15 5.39
C GLU A 163 -17.88 -14.27 5.82
N LEU A 164 -16.98 -13.57 5.09
CA LEU A 164 -15.56 -13.62 5.40
C LEU A 164 -15.06 -12.40 6.18
N HIS A 165 -15.95 -11.45 6.47
CA HIS A 165 -15.51 -10.25 7.17
C HIS A 165 -14.85 -10.60 8.52
N SER A 166 -15.39 -11.61 9.20
CA SER A 166 -14.86 -12.02 10.50
C SER A 166 -13.49 -12.67 10.38
N LYS A 167 -13.07 -12.98 9.16
CA LYS A 167 -11.76 -13.55 8.93
C LYS A 167 -10.77 -12.52 8.37
N VAL A 168 -11.19 -11.27 8.34
CA VAL A 168 -10.31 -10.15 7.99
C VAL A 168 -9.98 -9.39 9.28
N GLU A 169 -8.70 -9.37 9.62
CA GLU A 169 -8.26 -8.68 10.83
C GLU A 169 -8.43 -7.17 10.71
N ARG A 170 -8.00 -6.64 9.57
CA ARG A 170 -7.85 -5.20 9.40
C ARG A 170 -7.53 -4.94 7.94
N ILE A 171 -7.80 -3.72 7.52
CA ILE A 171 -7.38 -3.24 6.23
C ILE A 171 -6.41 -2.09 6.50
N VAL A 172 -5.16 -2.26 6.08
CA VAL A 172 -4.12 -1.27 6.29
C VAL A 172 -3.83 -0.66 4.93
N LEU A 173 -4.33 0.56 4.68
CA LEU A 173 -4.31 1.12 3.34
C LEU A 173 -3.44 2.36 3.20
N GLY A 175 -3.60 5.76 1.46
CA GLY A 175 -4.57 6.59 0.75
C GLY A 175 -5.14 7.65 1.65
N GLY A 176 -5.70 8.66 1.05
CA GLY A 176 -6.38 9.67 1.82
C GLY A 176 -5.46 10.79 2.28
N ALA A 177 -6.10 11.83 2.82
CA ALA A 177 -5.41 12.95 3.42
C ALA A 177 -6.41 13.70 4.28
N ALA A 178 -5.98 14.01 5.51
CA ALA A 178 -6.86 14.69 6.47
C ALA A 178 -6.93 16.19 6.18
N GLY A 179 -7.27 16.54 4.93
CA GLY A 179 -7.53 17.91 4.55
C GLY A 179 -6.96 18.43 3.25
N VAL A 180 -5.77 17.94 2.88
CA VAL A 180 -5.04 18.52 1.73
C VAL A 180 -4.58 17.44 0.77
N GLY A 181 -5.18 17.44 -0.41
CA GLY A 181 -4.90 16.44 -1.41
C GLY A 181 -3.66 16.71 -2.25
N ASN A 182 -3.22 15.66 -2.95
CA ASN A 182 -2.11 15.78 -3.89
C ASN A 182 -2.53 15.57 -5.35
N TRP A 183 -3.81 15.33 -5.60
CA TRP A 183 -4.30 15.12 -6.96
C TRP A 183 -5.29 16.21 -7.33
N THR A 184 -6.29 16.42 -6.48
CA THR A 184 -7.08 17.62 -6.46
C THR A 184 -6.81 18.29 -5.12
N PRO A 185 -7.28 19.52 -4.93
CA PRO A 185 -6.97 20.19 -3.67
C PRO A 185 -7.49 19.42 -2.47
N ALA A 186 -8.59 18.71 -2.64
CA ALA A 186 -9.23 17.98 -1.54
C ALA A 186 -8.91 16.50 -1.46
N ALA A 187 -8.40 15.91 -2.55
CA ALA A 187 -8.27 14.46 -2.65
C ALA A 187 -6.90 13.94 -2.99
N GLU A 188 -6.55 12.88 -2.30
CA GLU A 188 -5.39 12.07 -2.59
C GLU A 188 -5.69 11.11 -3.75
N PHE A 189 -4.67 10.78 -4.51
CA PHE A 189 -4.82 10.01 -5.75
C PHE A 189 -5.55 8.67 -5.65
N ASN A 190 -5.12 7.79 -4.75
CA ASN A 190 -5.75 6.47 -4.67
C ASN A 190 -7.25 6.54 -4.39
N ILE A 191 -7.65 7.46 -3.53
CA ILE A 191 -9.06 7.61 -3.21
C ILE A 191 -9.78 8.26 -4.38
N PHE A 192 -9.17 9.27 -5.01
CA PHE A 192 -9.78 9.97 -6.11
C PHE A 192 -10.08 9.04 -7.29
N VAL A 193 -9.18 8.10 -7.54
CA VAL A 193 -9.37 7.17 -8.67
C VAL A 193 -10.66 6.37 -8.53
N ASP A 194 -10.99 5.99 -7.30
CA ASP A 194 -12.19 5.19 -7.06
C ASP A 194 -12.81 5.56 -5.72
N PRO A 195 -13.50 6.71 -5.68
CA PRO A 195 -14.12 7.16 -4.42
C PRO A 195 -15.20 6.20 -3.94
N GLU A 196 -15.94 5.62 -4.86
CA GLU A 196 -17.00 4.66 -4.49
C GLU A 196 -16.43 3.46 -3.77
N ALA A 197 -15.37 2.89 -4.29
CA ALA A 197 -14.71 1.77 -3.63
C ALA A 197 -14.23 2.17 -2.23
N ALA A 198 -13.61 3.34 -2.13
CA ALA A 198 -13.11 3.80 -0.85
C ALA A 198 -14.23 3.97 0.15
N ASP A 199 -15.34 4.53 -0.31
CA ASP A 199 -16.53 4.72 0.51
C ASP A 199 -16.99 3.38 1.08
N VAL A 201 -15.17 0.68 1.54
CA VAL A 201 -14.20 0.25 2.54
C VAL A 201 -14.46 0.92 3.88
N PHE A 202 -14.58 2.25 3.91
CA PHE A 202 -14.76 2.95 5.17
C PHE A 202 -16.10 2.69 5.82
N LYS A 203 -17.10 2.25 5.04
CA LYS A 203 -18.38 1.88 5.61
C LYS A 203 -18.47 0.41 6.04
N SER A 204 -17.42 -0.39 5.79
CA SER A 204 -17.52 -1.85 5.89
C SER A 204 -17.67 -2.43 7.29
N GLY A 205 -17.20 -1.69 8.30
CA GLY A 205 -17.15 -2.21 9.67
C GLY A 205 -15.94 -3.08 9.97
N ILE A 206 -15.08 -3.26 9.00
CA ILE A 206 -13.80 -3.93 9.21
C ILE A 206 -12.80 -2.91 9.73
N PRO A 207 -11.98 -3.25 10.73
CA PRO A 207 -10.99 -2.28 11.22
C PRO A 207 -10.07 -1.79 10.11
N ILE A 208 -9.75 -0.50 10.17
CA ILE A 208 -8.92 0.15 9.16
C ILE A 208 -7.79 0.93 9.83
N THR A 209 -6.60 0.85 9.22
CA THR A 209 -5.55 1.82 9.48
C THR A 209 -5.33 2.58 8.21
N CYS A 211 -3.12 5.13 6.23
CA CYS A 211 -1.82 5.80 6.09
C CYS A 211 -1.96 6.80 4.96
N GLY A 212 -2.35 8.03 5.31
CA GLY A 212 -2.59 9.08 4.33
C GLY A 212 -1.41 10.02 4.17
N LEU A 213 -1.62 11.08 3.41
CA LEU A 213 -0.57 12.03 3.08
C LEU A 213 -0.02 12.75 4.31
N ASP A 214 -0.84 12.79 5.37
CA ASP A 214 -0.44 13.46 6.59
C ASP A 214 0.82 12.83 7.14
N VAL A 215 0.88 11.49 7.11
CA VAL A 215 2.06 10.80 7.59
C VAL A 215 3.06 10.63 6.46
N THR A 216 2.61 10.30 5.25
CA THR A 216 3.59 9.96 4.22
C THR A 216 4.42 11.16 3.80
N HIS A 217 3.86 12.36 3.94
CA HIS A 217 4.60 13.59 3.65
C HIS A 217 5.83 13.74 4.54
N GLU A 218 5.75 13.17 5.75
CA GLU A 218 6.85 13.20 6.70
C GLU A 218 7.90 12.07 6.47
N ALA A 219 7.55 11.07 5.67
CA ALA A 219 8.37 9.89 5.50
C ALA A 219 9.39 10.12 4.38
N GLN A 220 10.22 11.11 4.58
CA GLN A 220 11.18 11.57 3.57
C GLN A 220 12.53 10.85 3.72
N ILE A 221 13.10 10.50 2.57
CA ILE A 221 14.39 9.82 2.51
C ILE A 221 15.45 10.85 2.11
N ASP A 223 19.60 12.08 1.36
CA ASP A 223 20.77 11.57 0.65
C ASP A 223 21.52 10.52 1.46
N GLU A 224 21.75 10.81 2.73
CA GLU A 224 22.53 9.94 3.59
C GLU A 224 21.78 8.64 3.86
N ASP A 225 20.46 8.69 3.81
CA ASP A 225 19.64 7.49 3.99
C ASP A 225 19.80 6.57 2.77
N ILE A 226 19.77 7.16 1.58
CA ILE A 226 19.96 6.39 0.37
C ILE A 226 21.33 5.71 0.39
N GLU A 227 22.36 6.42 0.83
CA GLU A 227 23.70 5.86 0.82
C GLU A 227 23.83 4.70 1.82
N ARG A 228 23.14 4.78 2.96
CA ARG A 228 23.06 3.64 3.89
C ARG A 228 22.43 2.42 3.21
N ILE A 229 21.34 2.64 2.51
CA ILE A 229 20.65 1.56 1.82
C ILE A 229 21.52 0.99 0.73
N ARG A 230 22.22 1.84 0.00
CA ARG A 230 23.03 1.37 -1.11
C ARG A 230 24.20 0.51 -0.61
N ALA A 231 24.61 0.74 0.63
CA ALA A 231 25.70 0.00 1.23
C ALA A 231 25.32 -1.40 1.69
N ILE A 232 24.03 -1.69 1.71
CA ILE A 232 23.57 -3.03 2.09
C ILE A 232 23.98 -4.03 0.99
N PRO A 233 24.68 -5.10 1.38
CA PRO A 233 25.40 -5.88 0.36
C PRO A 233 24.53 -6.92 -0.36
N ASN A 234 23.43 -6.50 -0.97
CA ASN A 234 22.67 -7.42 -1.82
C ASN A 234 21.97 -6.67 -2.94
N PRO A 235 21.60 -7.37 -4.03
CA PRO A 235 21.02 -6.77 -5.23
C PRO A 235 19.68 -6.07 -4.98
N VAL A 236 18.90 -6.55 -4.02
CA VAL A 236 17.60 -5.99 -3.77
C VAL A 236 17.74 -4.57 -3.20
N ALA A 237 18.67 -4.39 -2.25
CA ALA A 237 18.95 -3.06 -1.71
C ALA A 237 19.46 -2.12 -2.81
N GLN A 238 20.23 -2.66 -3.74
CA GLN A 238 20.75 -1.83 -4.83
C GLN A 238 19.58 -1.31 -5.65
N CYS A 239 18.59 -2.18 -5.88
CA CYS A 239 17.41 -1.80 -6.64
C CYS A 239 16.64 -0.69 -5.92
N VAL A 240 16.45 -0.86 -4.62
CA VAL A 240 15.71 0.14 -3.84
C VAL A 240 16.45 1.48 -3.87
N ALA A 241 17.76 1.45 -3.73
CA ALA A 241 18.54 2.69 -3.75
C ALA A 241 18.40 3.40 -5.10
N GLU A 242 18.41 2.63 -6.19
CA GLU A 242 18.19 3.22 -7.50
C GLU A 242 16.81 3.87 -7.61
N LEU A 243 15.79 3.22 -7.06
CA LEU A 243 14.45 3.78 -7.08
C LEU A 243 14.43 5.11 -6.31
N LEU A 244 15.11 5.13 -5.17
CA LEU A 244 15.17 6.34 -4.34
C LEU A 244 15.93 7.47 -5.04
N ASP A 245 17.00 7.13 -5.76
CA ASP A 245 17.74 8.13 -6.53
C ASP A 245 16.78 8.82 -7.51
N PHE A 246 15.97 8.01 -8.17
CA PHE A 246 15.00 8.48 -9.13
C PHE A 246 13.97 9.39 -8.44
N PHE A 247 13.52 8.98 -7.26
CA PHE A 247 12.55 9.77 -6.52
C PHE A 247 13.16 11.12 -6.14
N ILE A 249 15.07 12.97 -7.77
CA ILE A 249 15.02 13.86 -8.92
C ILE A 249 13.61 14.26 -9.33
N TYR A 250 12.67 13.31 -9.30
CA TYR A 250 11.37 13.49 -9.92
C TYR A 250 10.18 13.55 -8.98
N HIS A 251 10.40 13.31 -7.69
CA HIS A 251 9.32 13.33 -6.70
C HIS A 251 9.54 14.44 -5.67
N ARG A 252 10.23 15.50 -6.08
CA ARG A 252 10.50 16.63 -5.20
C ARG A 252 10.16 17.97 -5.87
N ASP A 253 8.98 18.04 -6.48
CA ASP A 253 8.47 19.30 -7.03
C ASP A 253 8.57 20.31 -5.90
N PRO A 254 9.32 21.41 -6.10
CA PRO A 254 9.56 22.35 -4.98
C PRO A 254 8.30 22.91 -4.33
N LYS A 255 7.16 22.87 -5.01
CA LYS A 255 5.94 23.46 -4.46
C LYS A 255 5.50 22.74 -3.18
N TRP A 256 5.88 21.47 -3.07
CA TRP A 256 5.51 20.67 -1.91
C TRP A 256 6.38 20.99 -0.70
N GLY A 257 7.57 21.54 -0.96
CA GLY A 257 8.52 21.88 0.09
C GLY A 257 9.16 20.69 0.78
N PHE A 258 9.34 19.59 0.05
CA PHE A 258 10.03 18.40 0.60
C PHE A 258 11.55 18.66 0.68
N THR A 259 12.15 18.15 1.75
CA THR A 259 13.62 18.14 1.86
C THR A 259 14.18 16.89 1.21
N GLY A 260 13.58 15.75 1.52
CA GLY A 260 13.94 14.50 0.86
C GLY A 260 12.70 13.96 0.14
N ALA A 261 12.83 12.84 -0.54
CA ALA A 261 11.72 12.25 -1.30
C ALA A 261 10.81 11.42 -0.39
N PRO A 262 9.48 11.69 -0.43
CA PRO A 262 8.62 10.92 0.47
C PRO A 262 8.45 9.51 -0.06
N LEU A 263 8.26 8.59 0.88
CA LEU A 263 7.86 7.24 0.55
C LEU A 263 6.45 7.06 1.04
N HIS A 264 5.55 6.62 0.18
CA HIS A 264 4.17 6.51 0.58
C HIS A 264 3.81 5.10 1.01
N ASP A 265 3.66 4.22 0.02
CA ASP A 265 3.13 2.87 0.26
C ASP A 265 3.89 2.10 1.35
N PRO A 266 5.23 2.22 1.41
CA PRO A 266 5.95 1.46 2.44
C PRO A 266 5.54 1.78 3.88
N CYS A 267 4.88 2.92 4.11
CA CYS A 267 4.40 3.24 5.45
C CYS A 267 3.41 2.17 5.95
N THR A 268 2.67 1.53 5.05
CA THR A 268 1.73 0.46 5.46
C THR A 268 2.51 -0.70 6.11
N ILE A 269 3.60 -1.10 5.47
CA ILE A 269 4.41 -2.20 5.99
C ILE A 269 5.10 -1.81 7.27
N ALA A 270 5.59 -0.58 7.35
CA ALA A 270 6.22 -0.09 8.56
C ALA A 270 5.24 -0.13 9.73
N TRP A 271 3.97 0.18 9.48
CA TRP A 271 2.98 0.16 10.54
C TRP A 271 2.71 -1.29 11.01
N LEU A 272 2.70 -2.22 10.07
CA LEU A 272 2.58 -3.65 10.42
C LEU A 272 3.73 -4.16 11.28
N LEU A 273 4.94 -3.67 11.01
CA LEU A 273 6.14 -4.18 11.65
C LEU A 273 6.48 -3.45 12.94
N LYS A 274 6.23 -2.14 12.97
CA LYS A 274 6.61 -1.31 14.10
C LYS A 274 5.66 -0.12 14.26
N PRO A 275 4.44 -0.42 14.72
CA PRO A 275 3.43 0.63 14.80
C PRO A 275 3.81 1.76 15.76
N GLU A 276 4.74 1.51 16.68
CA GLU A 276 5.11 2.52 17.65
C GLU A 276 5.92 3.67 17.00
N LEU A 277 6.34 3.48 15.75
CA LEU A 277 6.94 4.57 14.98
C LEU A 277 5.97 5.71 14.70
N PHE A 278 4.66 5.46 14.85
CA PHE A 278 3.65 6.36 14.34
C PHE A 278 2.83 7.05 15.43
N THR A 279 2.43 8.28 15.14
CA THR A 279 1.39 8.94 15.91
C THR A 279 0.05 8.58 15.26
N ALA A 280 -0.85 7.99 16.04
CA ALA A 280 -2.14 7.53 15.51
C ALA A 280 -3.29 8.05 16.36
N GLN A 281 -4.45 8.20 15.73
CA GLN A 281 -5.66 8.55 16.45
C GLN A 281 -6.86 7.85 15.83
N GLU A 282 -7.76 7.34 16.67
CA GLU A 282 -8.99 6.76 16.21
C GLU A 282 -9.94 7.91 15.79
N CYS A 283 -10.36 7.89 14.54
CA CYS A 283 -11.21 8.94 13.96
C CYS A 283 -12.38 8.38 13.17
N TRP A 284 -13.45 9.16 13.08
CA TRP A 284 -14.43 8.94 12.04
C TRP A 284 -13.87 9.50 10.73
N VAL A 285 -13.97 8.69 9.70
CA VAL A 285 -13.58 9.09 8.32
C VAL A 285 -14.71 8.78 7.37
N GLY A 286 -15.08 9.77 6.57
CA GLY A 286 -16.06 9.61 5.51
C GLY A 286 -15.40 9.91 4.17
N VAL A 287 -15.79 9.18 3.13
CA VAL A 287 -15.30 9.46 1.78
C VAL A 287 -16.39 10.20 0.99
N GLU A 288 -16.01 11.34 0.44
CA GLU A 288 -16.93 12.17 -0.32
C GLU A 288 -17.06 11.63 -1.73
N THR A 289 -18.28 11.31 -2.14
CA THR A 289 -18.53 10.83 -3.49
C THR A 289 -19.50 11.72 -4.27
N LYS A 290 -20.00 12.79 -3.66
CA LYS A 290 -21.09 13.57 -4.26
C LYS A 290 -20.76 15.03 -4.55
N GLY A 291 -19.71 15.56 -3.96
CA GLY A 291 -19.47 17.02 -4.07
C GLY A 291 -19.03 17.50 -5.46
N GLU A 292 -19.26 18.77 -5.72
CA GLU A 292 -18.83 19.42 -6.95
C GLU A 292 -17.30 19.46 -7.04
N TYR A 293 -16.63 19.78 -5.94
CA TYR A 293 -15.19 20.05 -5.94
C TYR A 293 -14.40 19.03 -5.11
N THR A 294 -15.13 18.23 -4.34
CA THR A 294 -14.51 17.42 -3.32
C THR A 294 -14.60 15.92 -3.46
N GLN A 295 -14.92 15.43 -4.64
CA GLN A 295 -15.03 13.98 -4.79
C GLN A 295 -13.64 13.38 -4.56
N GLY A 296 -13.64 12.29 -3.80
CA GLY A 296 -12.42 11.61 -3.43
C GLY A 296 -11.79 12.10 -2.14
N THR A 298 -11.10 12.32 1.71
CA THR A 298 -11.34 11.64 3.00
C THR A 298 -11.56 12.74 4.05
N VAL A 299 -12.78 12.74 4.62
CA VAL A 299 -13.18 13.73 5.61
C VAL A 299 -12.88 13.11 6.97
N VAL A 300 -11.83 13.61 7.61
CA VAL A 300 -11.29 13.02 8.82
C VAL A 300 -11.62 13.90 10.02
N ASP A 301 -12.42 13.37 10.92
CA ASP A 301 -12.90 14.12 12.07
C ASP A 301 -11.91 14.06 13.22
N ARG A 302 -10.72 14.61 12.98
CA ARG A 302 -9.65 14.62 13.95
C ARG A 302 -10.00 15.37 15.23
N TYR A 303 -10.87 16.38 15.15
CA TYR A 303 -11.17 17.24 16.28
C TYR A 303 -12.53 16.95 16.90
N GLN A 304 -13.08 15.79 16.53
CA GLN A 304 -14.30 15.26 17.15
C GLN A 304 -15.43 16.29 17.13
N LEU A 305 -15.75 16.72 15.92
CA LEU A 305 -16.78 17.70 15.70
C LEU A 305 -18.11 17.07 15.35
N THR A 306 -18.11 15.82 14.87
CA THR A 306 -19.33 15.22 14.29
C THR A 306 -20.14 14.34 15.25
N GLY A 307 -19.51 13.89 16.32
CA GLY A 307 -20.14 12.94 17.22
C GLY A 307 -20.19 11.51 16.68
N LYS A 308 -19.64 11.27 15.48
CA LYS A 308 -19.75 9.97 14.86
C LYS A 308 -18.72 8.99 15.41
N THR A 309 -19.10 7.72 15.47
CA THR A 309 -18.20 6.69 15.98
C THR A 309 -16.99 6.52 15.06
N ALA A 310 -15.81 6.39 15.66
CA ALA A 310 -14.56 6.20 14.90
C ALA A 310 -14.63 4.92 14.08
N ASN A 311 -14.13 4.96 12.85
CA ASN A 311 -14.06 3.78 12.01
C ASN A 311 -12.66 3.53 11.46
N ALA A 312 -11.69 4.33 11.86
CA ALA A 312 -10.33 4.11 11.38
C ALA A 312 -9.29 4.61 12.37
N THR A 313 -8.16 3.91 12.39
CA THR A 313 -6.95 4.41 12.99
C THR A 313 -6.23 5.21 11.93
N VAL A 314 -6.14 6.52 12.13
CA VAL A 314 -5.52 7.41 11.15
C VAL A 314 -4.14 7.79 11.64
N LEU A 315 -3.17 7.68 10.74
CA LEU A 315 -1.78 7.99 11.10
C LEU A 315 -1.45 9.42 10.70
N PHE A 316 -0.85 10.16 11.62
CA PHE A 316 -0.63 11.58 11.44
C PHE A 316 0.84 12.00 11.42
N ASP A 317 1.71 11.21 12.03
CA ASP A 317 3.14 11.55 12.06
C ASP A 317 3.95 10.29 12.28
N LEU A 318 5.24 10.35 12.00
CA LEU A 318 6.10 9.22 12.31
C LEU A 318 7.51 9.65 12.70
N ASP A 319 8.19 8.71 13.34
CA ASP A 319 9.60 8.85 13.68
C ASP A 319 10.37 8.53 12.40
N ARG A 320 10.76 9.57 11.69
CA ARG A 320 11.35 9.41 10.35
C ARG A 320 12.65 8.59 10.38
N GLN A 321 13.53 8.89 11.33
CA GLN A 321 14.78 8.17 11.45
C GLN A 321 14.53 6.69 11.78
N GLY A 322 13.55 6.44 12.65
CA GLY A 322 13.15 5.08 12.97
C GLY A 322 12.64 4.31 11.75
N PHE A 323 11.93 5.01 10.88
CA PHE A 323 11.39 4.48 9.63
C PHE A 323 12.56 4.08 8.72
N VAL A 324 13.54 4.96 8.59
CA VAL A 324 14.72 4.64 7.79
C VAL A 324 15.46 3.45 8.38
N ASP A 325 15.64 3.43 9.71
CA ASP A 325 16.31 2.33 10.37
C ASP A 325 15.61 1.01 10.10
N LEU A 326 14.28 1.04 10.12
CA LEU A 326 13.50 -0.16 9.83
C LEU A 326 13.74 -0.66 8.40
N ILE A 327 13.76 0.27 7.46
CA ILE A 327 13.99 -0.10 6.05
C ILE A 327 15.36 -0.76 5.89
N VAL A 328 16.38 -0.17 6.50
CA VAL A 328 17.74 -0.70 6.41
C VAL A 328 17.78 -2.11 7.03
N ASP A 329 17.18 -2.26 8.20
CA ASP A 329 17.14 -3.56 8.85
C ASP A 329 16.42 -4.60 7.99
N CYS A 330 15.29 -4.21 7.41
CA CYS A 330 14.50 -5.08 6.54
C CYS A 330 15.29 -5.58 5.34
N LEU A 331 15.94 -4.65 4.63
CA LEU A 331 16.62 -5.00 3.39
C LEU A 331 17.81 -5.90 3.63
N SER A 332 18.39 -5.85 4.83
CA SER A 332 19.47 -6.76 5.19
C SER A 332 19.06 -8.23 5.17
N ALA A 333 17.74 -8.49 5.22
CA ALA A 333 17.26 -9.87 5.21
C ALA A 333 17.61 -10.56 3.92
N TYR A 334 17.85 -9.78 2.87
CA TYR A 334 18.20 -10.34 1.56
C TYR A 334 19.69 -10.60 1.38
N ASN A 335 20.49 -10.38 2.42
CA ASN A 335 21.94 -10.57 2.34
C ASN A 335 22.28 -12.04 2.11
#